data_6NVJ
#
_entry.id   6NVJ
#
_cell.length_a   63.040
_cell.length_b   63.040
_cell.length_c   181.953
_cell.angle_alpha   90.00
_cell.angle_beta   90.00
_cell.angle_gamma   90.00
#
_symmetry.space_group_name_H-M   'P 43 21 2'
#
loop_
_entity.id
_entity.type
_entity.pdbx_description
1 polymer 'Fibroblast growth factor receptor 4'
2 non-polymer 'SULFATE ION'
3 non-polymer N-[2-({5-[(2,6-dichloro-3,5-dimethoxyphenyl)methoxy]pyrimidin-2-yl}amino)-3-fluorophenyl]propanamide
4 water water
#
_entity_poly.entity_id   1
_entity_poly.type   'polypeptide(L)'
_entity_poly.pdbx_seq_one_letter_code
;MVSLDLPLDPLWEFPRDRLVLGKPLGEGCFGQVVRAEAFGMDPARPDQASTVAVKMLKDNASDKDLADLVSEMEVMKLIG
RHKNIINLLGVCTQEGPLYVIVECAAKGNLREFLRARRPPGSSEGPLSFPVLVSCAYQVARGMQYLESRKCIHRDLAARN
VLVTEDNVMKIADFGLARGVHHIDYYKKTSNGRLPVKWMAPEALFDRVYTHQSDVWSFGILLWEIFTLGGSPYPGIPVEE
LFSLLREGHRMDRPPHCPPELYGLMRECWHAAPSQRPTFKQLVEALDKVLLAVSHHHHHH
;
_entity_poly.pdbx_strand_id   A
#
# COMPACT_ATOMS: atom_id res chain seq x y z
N ASP A 5 -13.92 -25.86 3.57
CA ASP A 5 -15.18 -26.27 4.26
C ASP A 5 -15.56 -25.28 5.37
N LEU A 6 -16.14 -24.13 5.00
CA LEU A 6 -16.11 -22.89 5.82
C LEU A 6 -17.44 -22.31 6.29
N PRO A 7 -17.45 -21.57 7.40
CA PRO A 7 -18.68 -20.89 7.86
C PRO A 7 -19.20 -19.88 6.88
N LEU A 8 -20.50 -19.61 6.97
CA LEU A 8 -21.18 -18.68 6.09
C LEU A 8 -21.41 -17.39 6.89
N ASP A 9 -20.59 -16.38 6.57
CA ASP A 9 -20.62 -15.10 7.29
C ASP A 9 -21.55 -14.17 6.50
N PRO A 10 -22.76 -13.93 7.05
CA PRO A 10 -23.79 -13.13 6.36
C PRO A 10 -23.47 -11.68 6.20
N LEU A 11 -22.45 -11.18 6.87
CA LEU A 11 -22.02 -9.80 6.64
C LEU A 11 -21.19 -9.64 5.35
N TRP A 12 -20.66 -10.75 4.83
CA TRP A 12 -19.65 -10.71 3.77
C TRP A 12 -19.90 -11.61 2.55
N GLU A 13 -20.65 -12.70 2.73
CA GLU A 13 -21.02 -13.59 1.63
C GLU A 13 -21.76 -12.83 0.54
N PHE A 14 -21.28 -13.01 -0.68
CA PHE A 14 -21.81 -12.30 -1.86
C PHE A 14 -22.12 -13.41 -2.86
N PRO A 15 -23.20 -13.25 -3.66
CA PRO A 15 -23.58 -14.45 -4.42
C PRO A 15 -22.59 -14.72 -5.55
N ARG A 16 -22.14 -15.97 -5.63
CA ARG A 16 -21.14 -16.40 -6.59
C ARG A 16 -21.59 -16.23 -8.04
N ASP A 17 -22.89 -16.38 -8.27
CA ASP A 17 -23.51 -16.12 -9.58
C ASP A 17 -23.57 -14.64 -9.98
N ARG A 18 -23.30 -13.70 -9.05
CA ARG A 18 -23.29 -12.25 -9.37
C ARG A 18 -21.87 -11.69 -9.60
N LEU A 19 -20.91 -12.62 -9.67
CA LEU A 19 -19.50 -12.28 -9.83
C LEU A 19 -19.01 -12.93 -11.13
N VAL A 20 -18.91 -12.10 -12.17
CA VAL A 20 -18.44 -12.52 -13.49
C VAL A 20 -16.94 -12.29 -13.54
N LEU A 21 -16.18 -13.38 -13.54
CA LEU A 21 -14.72 -13.30 -13.63
C LEU A 21 -14.19 -12.79 -15.01
N GLY A 22 -13.03 -12.12 -15.02
CA GLY A 22 -12.39 -11.51 -16.22
C GLY A 22 -10.85 -11.70 -16.29
N LYS A 23 -10.14 -10.71 -16.86
CA LYS A 23 -8.69 -10.87 -17.17
C LYS A 23 -7.92 -11.06 -15.88
N PRO A 24 -7.00 -12.04 -15.83
CA PRO A 24 -6.09 -12.17 -14.67
C PRO A 24 -5.15 -10.98 -14.45
N LEU A 25 -5.12 -10.46 -13.22
CA LEU A 25 -4.17 -9.42 -12.81
C LEU A 25 -2.81 -9.98 -12.29
N GLY A 26 -2.77 -11.21 -11.78
CA GLY A 26 -1.50 -11.81 -11.31
C GLY A 26 -1.62 -13.29 -11.03
N GLU A 27 -0.65 -14.09 -11.47
CA GLU A 27 -0.54 -15.52 -11.08
C GLU A 27 0.71 -15.68 -10.22
N GLY A 28 0.83 -16.82 -9.53
CA GLY A 28 1.95 -17.11 -8.61
C GLY A 28 1.59 -17.96 -7.41
N GLY A 31 -1.78 -20.01 -6.05
CA GLY A 31 -2.60 -18.79 -5.90
C GLY A 31 -2.66 -17.83 -7.09
N GLN A 32 -3.75 -17.05 -7.22
CA GLN A 32 -3.87 -16.01 -8.28
C GLN A 32 -4.90 -14.88 -7.98
N VAL A 33 -4.81 -13.81 -8.78
CA VAL A 33 -5.69 -12.66 -8.63
C VAL A 33 -6.30 -12.28 -9.96
N VAL A 34 -7.64 -12.18 -10.00
CA VAL A 34 -8.38 -12.05 -11.23
C VAL A 34 -9.29 -10.83 -11.18
N ARG A 35 -9.32 -10.06 -12.26
CA ARG A 35 -10.27 -8.94 -12.41
C ARG A 35 -11.69 -9.53 -12.58
N ALA A 36 -12.74 -8.78 -12.25
CA ALA A 36 -14.10 -9.31 -12.30
C ALA A 36 -15.10 -8.22 -12.21
N GLU A 37 -16.24 -8.44 -12.83
CA GLU A 37 -17.34 -7.48 -12.76
C GLU A 37 -18.26 -8.11 -11.74
N ALA A 38 -18.56 -7.35 -10.70
CA ALA A 38 -19.48 -7.82 -9.67
C ALA A 38 -20.77 -7.07 -9.86
N PHE A 39 -21.88 -7.79 -9.67
CA PHE A 39 -23.19 -7.17 -9.81
C PHE A 39 -23.85 -6.89 -8.47
N GLY A 40 -23.92 -5.59 -8.15
CA GLY A 40 -24.54 -5.08 -6.93
C GLY A 40 -23.66 -5.25 -5.71
N MET A 41 -22.42 -4.77 -5.77
CA MET A 41 -21.60 -4.60 -4.57
C MET A 41 -22.20 -3.51 -3.73
N ASP A 42 -22.75 -2.49 -4.37
CA ASP A 42 -23.60 -1.52 -3.72
C ASP A 42 -24.99 -2.18 -3.67
N PRO A 43 -25.45 -2.63 -2.48
CA PRO A 43 -26.83 -3.10 -2.40
C PRO A 43 -27.87 -1.95 -2.41
N ALA A 44 -27.45 -0.68 -2.35
CA ALA A 44 -28.37 0.42 -2.65
C ALA A 44 -28.93 0.20 -4.08
N ARG A 45 -28.06 0.18 -5.09
CA ARG A 45 -28.43 -0.15 -6.49
C ARG A 45 -27.95 -1.58 -6.90
N PRO A 46 -28.73 -2.65 -6.61
CA PRO A 46 -28.31 -4.05 -6.86
C PRO A 46 -28.17 -4.54 -8.30
N ASP A 47 -28.58 -3.73 -9.29
CA ASP A 47 -28.32 -4.04 -10.69
C ASP A 47 -26.91 -3.53 -11.06
N GLN A 48 -26.60 -2.27 -10.71
CA GLN A 48 -25.27 -1.64 -10.93
C GLN A 48 -24.07 -2.62 -10.86
N ALA A 49 -23.19 -2.54 -11.87
CA ALA A 49 -21.96 -3.33 -11.96
C ALA A 49 -20.80 -2.50 -11.50
N SER A 50 -19.77 -3.16 -11.00
CA SER A 50 -18.54 -2.50 -10.60
C SER A 50 -17.44 -3.49 -10.85
N THR A 51 -16.25 -2.95 -11.10
CA THR A 51 -15.05 -3.73 -11.38
C THR A 51 -14.33 -4.00 -10.07
N VAL A 52 -13.98 -5.24 -9.83
CA VAL A 52 -13.39 -5.59 -8.55
C VAL A 52 -12.25 -6.54 -8.81
N ALA A 53 -11.51 -6.88 -7.77
CA ALA A 53 -10.46 -7.87 -7.91
C ALA A 53 -10.78 -8.97 -6.96
N VAL A 54 -10.29 -10.15 -7.27
CA VAL A 54 -10.68 -11.38 -6.60
C VAL A 54 -9.45 -12.25 -6.43
N LYS A 55 -9.14 -12.62 -5.19
CA LYS A 55 -8.07 -13.53 -4.94
C LYS A 55 -8.64 -14.91 -4.77
N MET A 56 -7.91 -15.89 -5.27
CA MET A 56 -8.32 -17.25 -5.14
C MET A 56 -7.09 -18.09 -5.25
N LEU A 57 -7.25 -19.35 -4.83
CA LEU A 57 -6.22 -20.37 -4.89
C LEU A 57 -6.16 -21.06 -6.26
N LYS A 58 -4.94 -21.50 -6.62
CA LYS A 58 -4.71 -22.40 -7.78
C LYS A 58 -4.81 -23.84 -7.28
N ASP A 59 -5.30 -24.72 -8.17
CA ASP A 59 -5.37 -26.18 -7.93
C ASP A 59 -4.06 -26.75 -7.36
N ASN A 60 -2.89 -26.18 -7.73
CA ASN A 60 -1.58 -26.54 -7.11
C ASN A 60 -1.28 -25.96 -5.71
N ALA A 61 -2.23 -26.08 -4.75
CA ALA A 61 -2.15 -25.35 -3.43
C ALA A 61 -2.57 -26.16 -2.19
N SER A 62 -1.73 -26.14 -1.15
CA SER A 62 -1.91 -27.01 0.01
C SER A 62 -3.04 -26.59 0.98
N ASP A 63 -3.26 -27.43 1.97
CA ASP A 63 -4.02 -27.05 3.14
C ASP A 63 -3.47 -25.72 3.72
N LYS A 64 -2.15 -25.53 3.74
CA LYS A 64 -1.53 -24.32 4.36
C LYS A 64 -1.90 -23.02 3.62
N ASP A 65 -1.75 -23.06 2.29
CA ASP A 65 -2.08 -21.93 1.42
C ASP A 65 -3.53 -21.47 1.62
N LEU A 66 -4.45 -22.42 1.84
CA LEU A 66 -5.86 -22.11 2.16
C LEU A 66 -6.00 -21.35 3.48
N ALA A 67 -5.29 -21.82 4.51
CA ALA A 67 -5.30 -21.16 5.85
C ALA A 67 -4.79 -19.73 5.77
N ASP A 68 -3.77 -19.49 4.93
CA ASP A 68 -3.26 -18.14 4.69
C ASP A 68 -4.30 -17.20 4.06
N LEU A 69 -5.02 -17.71 3.06
CA LEU A 69 -6.03 -16.92 2.37
C LEU A 69 -7.23 -16.65 3.29
N VAL A 70 -7.63 -17.66 4.06
CA VAL A 70 -8.64 -17.51 5.11
C VAL A 70 -8.19 -16.50 6.15
N SER A 71 -6.91 -16.51 6.46
CA SER A 71 -6.35 -15.61 7.45
C SER A 71 -6.46 -14.15 6.98
N GLU A 72 -5.96 -13.92 5.77
CA GLU A 72 -5.98 -12.58 5.16
C GLU A 72 -7.42 -12.05 5.07
N MET A 73 -8.34 -12.89 4.60
CA MET A 73 -9.75 -12.55 4.53
C MET A 73 -10.23 -12.11 5.89
N GLU A 74 -9.96 -12.94 6.89
CA GLU A 74 -10.53 -12.71 8.21
C GLU A 74 -9.92 -11.46 8.83
N VAL A 75 -8.63 -11.29 8.62
CA VAL A 75 -7.92 -10.11 9.07
C VAL A 75 -8.46 -8.84 8.45
N MET A 76 -8.78 -8.90 7.17
CA MET A 76 -9.38 -7.76 6.48
C MET A 76 -10.77 -7.35 7.04
N LYS A 77 -11.60 -8.34 7.38
CA LYS A 77 -12.88 -8.10 8.09
C LYS A 77 -12.65 -7.39 9.39
N LEU A 78 -11.71 -7.89 10.16
CA LEU A 78 -11.43 -7.33 11.46
C LEU A 78 -10.88 -5.89 11.41
N ILE A 79 -10.00 -5.61 10.47
CA ILE A 79 -9.39 -4.27 10.36
C ILE A 79 -10.45 -3.25 9.99
N GLY A 80 -11.37 -3.64 9.10
CA GLY A 80 -12.44 -2.75 8.69
C GLY A 80 -12.02 -1.80 7.60
N ARG A 81 -12.91 -0.87 7.30
CA ARG A 81 -12.91 -0.03 6.09
C ARG A 81 -12.16 1.31 6.31
N HIS A 82 -11.47 1.77 5.27
CA HIS A 82 -10.88 3.12 5.20
C HIS A 82 -10.67 3.54 3.74
N LYS A 83 -10.81 4.84 3.45
CA LYS A 83 -10.69 5.36 2.05
C LYS A 83 -9.32 5.00 1.46
N ASN A 84 -8.29 4.93 2.32
CA ASN A 84 -6.91 4.83 1.89
C ASN A 84 -6.28 3.46 2.09
N ILE A 85 -7.12 2.41 2.10
CA ILE A 85 -6.65 1.05 1.94
C ILE A 85 -7.51 0.33 0.92
N ILE A 86 -7.00 -0.78 0.38
CA ILE A 86 -7.79 -1.63 -0.50
C ILE A 86 -8.76 -2.42 0.39
N ASN A 87 -10.04 -2.12 0.25
CA ASN A 87 -11.03 -2.67 1.15
C ASN A 87 -11.58 -4.02 0.70
N LEU A 88 -11.89 -4.84 1.69
CA LEU A 88 -12.71 -6.03 1.48
C LEU A 88 -14.10 -5.59 1.05
N LEU A 89 -14.65 -6.25 0.04
CA LEU A 89 -16.04 -5.97 -0.42
C LEU A 89 -17.00 -7.15 -0.22
N GLY A 90 -16.51 -8.38 -0.40
CA GLY A 90 -17.30 -9.56 -0.13
C GLY A 90 -16.45 -10.82 -0.28
N VAL A 91 -17.04 -11.96 0.03
CA VAL A 91 -16.40 -13.25 -0.09
C VAL A 91 -17.39 -14.26 -0.69
N CYS A 92 -16.86 -15.37 -1.21
CA CYS A 92 -17.66 -16.47 -1.76
C CYS A 92 -17.05 -17.70 -1.14
N THR A 93 -17.75 -18.30 -0.19
CA THR A 93 -17.17 -19.37 0.62
C THR A 93 -17.85 -20.72 0.49
N GLN A 94 -18.99 -20.77 -0.19
CA GLN A 94 -19.89 -21.93 -0.10
C GLN A 94 -20.01 -22.62 -1.45
N GLU A 95 -19.88 -23.94 -1.46
CA GLU A 95 -20.22 -24.76 -2.64
C GLU A 95 -19.45 -24.24 -3.85
N GLY A 96 -18.12 -24.31 -3.77
CA GLY A 96 -17.23 -23.67 -4.73
C GLY A 96 -16.00 -23.11 -4.05
N PRO A 97 -15.03 -22.59 -4.83
CA PRO A 97 -13.73 -22.19 -4.27
C PRO A 97 -13.74 -20.85 -3.50
N LEU A 98 -12.81 -20.69 -2.57
CA LEU A 98 -12.72 -19.43 -1.81
C LEU A 98 -12.35 -18.32 -2.77
N TYR A 99 -13.22 -17.33 -2.87
CA TYR A 99 -12.92 -16.05 -3.49
C TYR A 99 -12.93 -14.97 -2.42
N VAL A 100 -11.84 -14.19 -2.35
CA VAL A 100 -11.82 -12.97 -1.54
C VAL A 100 -11.90 -11.79 -2.48
N ILE A 101 -12.98 -11.01 -2.35
CA ILE A 101 -13.24 -9.91 -3.25
C ILE A 101 -12.89 -8.58 -2.60
N VAL A 102 -12.12 -7.76 -3.34
CA VAL A 102 -11.66 -6.46 -2.87
C VAL A 102 -11.74 -5.40 -3.97
N GLU A 103 -11.52 -4.15 -3.56
CA GLU A 103 -11.59 -3.03 -4.49
C GLU A 103 -10.53 -3.17 -5.57
N CYS A 104 -10.83 -2.64 -6.76
CA CYS A 104 -9.87 -2.68 -7.86
C CYS A 104 -9.48 -1.26 -8.14
N ALA A 105 -8.18 -0.95 -8.02
CA ALA A 105 -7.67 0.40 -8.28
C ALA A 105 -7.34 0.47 -9.77
N ALA A 106 -7.99 1.41 -10.47
CA ALA A 106 -7.96 1.46 -11.96
C ALA A 106 -6.56 1.73 -12.53
N LYS A 107 -5.81 2.63 -11.89
CA LYS A 107 -4.47 3.07 -12.37
C LYS A 107 -3.29 2.31 -11.78
N GLY A 108 -3.49 1.13 -11.22
CA GLY A 108 -2.39 0.33 -10.73
C GLY A 108 -1.57 0.94 -9.59
N ASN A 109 -0.38 0.39 -9.37
CA ASN A 109 0.40 0.80 -8.23
C ASN A 109 1.09 2.19 -8.38
N LEU A 110 1.59 2.71 -7.26
CA LEU A 110 2.01 4.09 -7.14
C LEU A 110 3.36 4.31 -7.80
N ARG A 111 4.26 3.31 -7.72
CA ARG A 111 5.53 3.39 -8.41
C ARG A 111 5.28 3.63 -9.90
N GLU A 112 4.49 2.76 -10.52
CA GLU A 112 4.27 2.82 -11.96
C GLU A 112 3.47 4.05 -12.34
N PHE A 113 2.58 4.47 -11.46
CA PHE A 113 1.78 5.67 -11.69
C PHE A 113 2.68 6.90 -11.81
N LEU A 114 3.66 7.01 -10.94
CA LEU A 114 4.54 8.14 -10.91
C LEU A 114 5.55 8.05 -12.06
N ARG A 115 6.12 6.85 -12.27
CA ARG A 115 7.10 6.64 -13.35
C ARG A 115 6.53 6.96 -14.71
N ALA A 116 5.30 6.54 -14.96
CA ALA A 116 4.61 6.87 -16.23
C ALA A 116 4.20 8.33 -16.37
N ARG A 117 4.49 9.14 -15.35
CA ARG A 117 4.19 10.57 -15.33
C ARG A 117 5.44 11.44 -15.10
N ARG A 118 6.62 10.86 -15.33
CA ARG A 118 7.86 11.62 -15.35
C ARG A 118 7.87 12.55 -16.57
N PRO A 119 8.08 13.87 -16.37
CA PRO A 119 8.32 14.70 -17.55
C PRO A 119 9.62 14.30 -18.24
N PRO A 120 9.79 14.62 -19.54
CA PRO A 120 11.15 14.48 -20.13
C PRO A 120 12.16 15.49 -19.51
N GLY A 121 13.36 15.00 -19.17
CA GLY A 121 14.48 15.77 -18.57
C GLY A 121 14.19 16.82 -17.51
N SER A 122 14.55 18.08 -17.76
CA SER A 122 14.29 19.21 -16.82
C SER A 122 12.88 19.84 -16.91
N SER A 123 11.98 19.32 -17.75
CA SER A 123 10.64 19.93 -17.93
C SER A 123 9.69 19.59 -16.78
N GLU A 124 8.57 20.32 -16.76
CA GLU A 124 7.58 20.24 -15.70
C GLU A 124 6.52 19.17 -16.12
N GLY A 125 6.14 18.30 -15.17
CA GLY A 125 5.28 17.14 -15.42
C GLY A 125 3.87 17.39 -14.88
N PRO A 126 2.91 16.49 -15.20
CA PRO A 126 1.52 16.69 -14.84
C PRO A 126 1.25 16.59 -13.32
N LEU A 127 2.13 15.95 -12.55
CA LEU A 127 1.97 15.85 -11.09
C LEU A 127 2.57 17.09 -10.39
N SER A 128 1.72 17.98 -9.92
CA SER A 128 2.14 19.13 -9.12
C SER A 128 2.63 18.71 -7.74
N PHE A 129 3.40 19.59 -7.11
CA PHE A 129 3.79 19.42 -5.71
C PHE A 129 2.58 19.04 -4.78
N PRO A 130 1.47 19.79 -4.84
CA PRO A 130 0.35 19.38 -3.95
C PRO A 130 -0.15 17.99 -4.22
N VAL A 131 -0.22 17.59 -5.48
CA VAL A 131 -0.69 16.26 -5.80
C VAL A 131 0.25 15.22 -5.17
N LEU A 132 1.56 15.50 -5.19
CA LEU A 132 2.55 14.59 -4.64
C LEU A 132 2.49 14.54 -3.09
N VAL A 133 2.39 15.70 -2.45
CA VAL A 133 2.19 15.75 -1.00
C VAL A 133 0.86 15.09 -0.63
N SER A 134 -0.17 15.35 -1.41
CA SER A 134 -1.44 14.68 -1.27
C SER A 134 -1.29 13.14 -1.25
N CYS A 135 -0.59 12.59 -2.25
CA CYS A 135 -0.30 11.13 -2.25
C CYS A 135 0.31 10.69 -0.95
N ALA A 136 1.29 11.43 -0.48
CA ALA A 136 2.01 11.07 0.70
C ALA A 136 1.12 11.15 1.93
N TYR A 137 0.29 12.19 1.99
CA TYR A 137 -0.66 12.39 3.08
C TYR A 137 -1.66 11.26 3.15
N GLN A 138 -2.20 10.87 1.99
CA GLN A 138 -3.16 9.78 1.88
C GLN A 138 -2.59 8.45 2.38
N VAL A 139 -1.34 8.18 2.00
CA VAL A 139 -0.66 6.98 2.48
C VAL A 139 -0.47 7.04 4.01
N ALA A 140 -0.10 8.22 4.50
CA ALA A 140 0.07 8.43 5.90
C ALA A 140 -1.25 8.19 6.68
N ARG A 141 -2.35 8.73 6.17
CA ARG A 141 -3.68 8.45 6.75
C ARG A 141 -4.03 6.96 6.74
N GLY A 142 -3.72 6.25 5.67
CA GLY A 142 -4.05 4.83 5.59
C GLY A 142 -3.25 4.05 6.62
N MET A 143 -1.97 4.39 6.71
CA MET A 143 -1.10 3.74 7.70
C MET A 143 -1.52 4.07 9.11
N GLN A 144 -1.84 5.33 9.39
CA GLN A 144 -2.39 5.72 10.68
C GLN A 144 -3.63 4.88 11.05
N TYR A 145 -4.54 4.74 10.10
CA TYR A 145 -5.68 3.89 10.33
C TYR A 145 -5.25 2.44 10.58
N LEU A 146 -4.46 1.83 9.68
CA LEU A 146 -4.08 0.44 9.91
C LEU A 146 -3.37 0.29 11.25
N GLU A 147 -2.53 1.26 11.59
CA GLU A 147 -1.82 1.23 12.84
C GLU A 147 -2.83 1.24 14.00
N SER A 148 -3.86 2.08 13.92
CA SER A 148 -4.91 2.15 14.95
C SER A 148 -5.70 0.88 15.08
N ARG A 149 -5.61 -0.02 14.11
CA ARG A 149 -6.24 -1.31 14.17
C ARG A 149 -5.23 -2.39 14.42
N LYS A 150 -4.07 -2.02 14.97
CA LYS A 150 -2.95 -2.94 15.32
C LYS A 150 -2.34 -3.74 14.16
N CYS A 151 -2.31 -3.15 12.97
CA CYS A 151 -1.73 -3.76 11.80
C CYS A 151 -0.40 -3.13 11.50
N ILE A 152 0.62 -3.97 11.47
CA ILE A 152 1.91 -3.62 11.01
C ILE A 152 2.05 -4.12 9.56
N HIS A 153 2.36 -3.23 8.63
CA HIS A 153 2.36 -3.59 7.22
C HIS A 153 3.56 -4.43 6.86
N ARG A 154 4.76 -3.99 7.23
CA ARG A 154 6.03 -4.76 7.00
C ARG A 154 6.63 -4.55 5.64
N ASP A 155 5.88 -4.04 4.67
CA ASP A 155 6.37 -3.90 3.33
C ASP A 155 5.73 -2.76 2.62
N LEU A 156 5.70 -1.62 3.30
CA LEU A 156 5.20 -0.38 2.73
C LEU A 156 6.21 0.12 1.72
N ALA A 157 5.70 0.45 0.54
CA ALA A 157 6.50 0.90 -0.59
C ALA A 157 5.54 1.31 -1.68
N ALA A 158 6.05 2.07 -2.64
CA ALA A 158 5.21 2.61 -3.69
C ALA A 158 4.56 1.48 -4.52
N ARG A 159 5.31 0.40 -4.77
CA ARG A 159 4.73 -0.80 -5.41
C ARG A 159 3.50 -1.39 -4.65
N ASN A 160 3.41 -1.18 -3.35
CA ASN A 160 2.31 -1.64 -2.49
C ASN A 160 1.30 -0.58 -2.07
N VAL A 161 1.20 0.49 -2.86
CA VAL A 161 0.13 1.44 -2.74
C VAL A 161 -0.44 1.47 -4.15
N LEU A 162 -1.76 1.44 -4.26
CA LEU A 162 -2.45 1.47 -5.54
C LEU A 162 -3.22 2.76 -5.65
N VAL A 163 -3.60 3.11 -6.88
CA VAL A 163 -4.17 4.42 -7.19
C VAL A 163 -5.56 4.26 -7.84
N THR A 164 -6.57 4.95 -7.36
CA THR A 164 -7.92 4.81 -7.98
C THR A 164 -8.05 5.71 -9.18
N GLU A 165 -9.20 5.60 -9.87
CA GLU A 165 -9.56 6.50 -10.97
C GLU A 165 -9.60 7.95 -10.52
N ASP A 166 -10.11 8.19 -9.33
CA ASP A 166 -10.15 9.53 -8.77
C ASP A 166 -8.81 9.84 -8.02
N ASN A 167 -7.70 9.17 -8.39
CA ASN A 167 -6.36 9.39 -7.77
C ASN A 167 -6.23 9.30 -6.24
N VAL A 168 -6.99 8.39 -5.64
CA VAL A 168 -6.95 8.16 -4.21
C VAL A 168 -5.93 7.05 -3.95
N MET A 169 -5.01 7.24 -2.99
CA MET A 169 -4.06 6.21 -2.65
C MET A 169 -4.76 5.16 -1.79
N LYS A 170 -4.46 3.90 -2.06
CA LYS A 170 -5.00 2.80 -1.29
C LYS A 170 -3.88 1.83 -0.98
N ILE A 171 -3.57 1.66 0.29
CA ILE A 171 -2.55 0.74 0.69
C ILE A 171 -3.02 -0.67 0.42
N ALA A 172 -2.10 -1.49 -0.07
CA ALA A 172 -2.38 -2.84 -0.48
C ALA A 172 -1.63 -3.82 0.40
N ASP A 173 -2.01 -5.10 0.30
CA ASP A 173 -1.33 -6.23 0.94
C ASP A 173 -0.97 -6.01 2.39
N PHE A 174 -1.94 -5.48 3.12
CA PHE A 174 -1.74 -5.18 4.50
C PHE A 174 -2.17 -6.30 5.44
N GLY A 175 -2.76 -7.37 4.92
CA GLY A 175 -3.38 -8.40 5.77
C GLY A 175 -2.70 -9.76 5.77
N LEU A 176 -1.48 -9.85 5.25
CA LEU A 176 -0.80 -11.13 5.03
C LEU A 176 -0.10 -11.70 6.27
N PRO A 195 13.36 -6.67 -0.20
CA PRO A 195 12.80 -5.34 0.01
C PRO A 195 13.69 -4.63 1.02
N VAL A 196 14.99 -4.82 0.83
CA VAL A 196 15.99 -4.45 1.81
C VAL A 196 16.10 -2.94 1.89
N LYS A 197 15.91 -2.28 0.75
CA LYS A 197 16.09 -0.83 0.66
C LYS A 197 14.98 -0.01 1.37
N TRP A 198 13.90 -0.69 1.76
CA TRP A 198 12.74 -0.13 2.45
C TRP A 198 12.71 -0.46 3.92
N MET A 199 13.58 -1.34 4.37
CA MET A 199 13.51 -1.87 5.72
C MET A 199 14.29 -1.08 6.73
N ALA A 200 13.67 -0.85 7.89
CA ALA A 200 14.35 -0.19 8.98
C ALA A 200 15.51 -1.06 9.47
N PRO A 201 16.50 -0.45 10.16
CA PRO A 201 17.66 -1.15 10.70
C PRO A 201 17.27 -2.36 11.53
N GLU A 202 16.43 -2.14 12.53
CA GLU A 202 16.01 -3.14 13.49
C GLU A 202 15.30 -4.30 12.82
N ALA A 203 14.68 -4.04 11.67
CA ALA A 203 14.00 -5.07 10.88
C ALA A 203 15.03 -5.89 10.10
N LEU A 204 15.89 -5.20 9.36
CA LEU A 204 17.05 -5.82 8.70
C LEU A 204 17.90 -6.72 9.59
N PHE A 205 18.41 -6.17 10.69
CA PHE A 205 19.43 -6.86 11.49
C PHE A 205 18.75 -7.78 12.49
N ASP A 206 17.91 -7.18 13.35
CA ASP A 206 17.19 -7.91 14.43
C ASP A 206 15.87 -8.63 14.03
N ARG A 207 15.42 -8.53 12.78
CA ARG A 207 14.14 -9.17 12.34
C ARG A 207 12.90 -8.72 13.21
N VAL A 208 12.96 -7.49 13.71
CA VAL A 208 11.96 -6.86 14.58
C VAL A 208 11.17 -5.87 13.71
N TYR A 209 9.86 -6.07 13.58
CA TYR A 209 8.95 -5.12 12.90
C TYR A 209 8.00 -4.42 13.86
N THR A 210 7.92 -3.10 13.72
CA THR A 210 6.98 -2.32 14.48
C THR A 210 6.35 -1.25 13.60
N HIS A 211 5.42 -0.52 14.21
CA HIS A 211 4.87 0.67 13.60
C HIS A 211 5.99 1.65 13.21
N GLN A 212 6.98 1.76 14.09
CA GLN A 212 8.10 2.64 13.80
C GLN A 212 8.93 2.15 12.61
N SER A 213 9.07 0.84 12.45
CA SER A 213 9.74 0.30 11.27
C SER A 213 8.93 0.63 10.02
N ASP A 214 7.59 0.55 10.11
CA ASP A 214 6.78 1.03 8.98
C ASP A 214 7.06 2.51 8.70
N VAL A 215 7.25 3.32 9.75
CA VAL A 215 7.60 4.73 9.55
C VAL A 215 8.87 4.92 8.72
N TRP A 216 9.90 4.14 9.02
CA TRP A 216 11.12 4.14 8.21
C TRP A 216 10.74 3.91 6.76
N SER A 217 9.95 2.88 6.50
CA SER A 217 9.56 2.57 5.13
C SER A 217 8.76 3.68 4.47
N PHE A 218 7.91 4.34 5.26
CA PHE A 218 7.20 5.49 4.75
C PHE A 218 8.16 6.58 4.27
N GLY A 219 9.24 6.83 5.02
CA GLY A 219 10.29 7.77 4.60
C GLY A 219 10.83 7.41 3.22
N ILE A 220 11.14 6.12 3.06
CA ILE A 220 11.60 5.62 1.78
C ILE A 220 10.53 5.84 0.73
N LEU A 221 9.27 5.52 1.08
CA LEU A 221 8.13 5.80 0.21
C LEU A 221 8.05 7.27 -0.17
N LEU A 222 8.27 8.15 0.79
CA LEU A 222 8.29 9.59 0.51
C LEU A 222 9.33 9.97 -0.57
N TRP A 223 10.53 9.44 -0.42
CA TRP A 223 11.60 9.63 -1.41
C TRP A 223 11.15 9.04 -2.74
N GLU A 224 10.55 7.85 -2.73
CA GLU A 224 9.99 7.33 -4.00
C GLU A 224 9.08 8.32 -4.68
N ILE A 225 8.20 8.96 -3.91
CA ILE A 225 7.22 9.90 -4.47
C ILE A 225 7.91 11.13 -5.06
N PHE A 226 8.84 11.69 -4.30
CA PHE A 226 9.45 12.93 -4.76
C PHE A 226 10.56 12.70 -5.79
N THR A 227 10.85 11.42 -6.10
CA THR A 227 11.62 11.05 -7.29
C THR A 227 10.79 10.49 -8.44
N LEU A 228 9.47 10.65 -8.39
CA LEU A 228 8.56 10.02 -9.33
C LEU A 228 8.83 8.51 -9.57
N GLY A 229 9.06 7.78 -8.49
CA GLY A 229 9.21 6.35 -8.55
C GLY A 229 10.63 5.94 -8.75
N GLY A 230 11.52 6.64 -8.05
CA GLY A 230 12.93 6.33 -8.08
C GLY A 230 13.30 5.10 -7.30
N SER A 231 14.39 4.48 -7.75
CA SER A 231 14.96 3.32 -7.09
C SER A 231 15.83 3.78 -5.94
N PRO A 232 15.43 3.43 -4.72
CA PRO A 232 16.19 3.97 -3.54
C PRO A 232 17.68 3.59 -3.51
N TYR A 233 18.48 4.37 -2.82
CA TYR A 233 19.92 4.15 -2.85
C TYR A 233 20.40 3.84 -4.30
N PRO A 234 20.16 4.78 -5.24
CA PRO A 234 20.60 4.60 -6.63
C PRO A 234 22.13 4.51 -6.68
N GLY A 235 22.62 3.48 -7.38
CA GLY A 235 24.03 3.15 -7.42
C GLY A 235 24.29 2.02 -6.47
N ILE A 236 24.02 2.27 -5.20
CA ILE A 236 24.53 1.43 -4.14
C ILE A 236 23.99 0.01 -4.29
N PRO A 237 24.91 -0.98 -4.28
CA PRO A 237 24.45 -2.37 -4.30
C PRO A 237 23.94 -2.79 -2.93
N VAL A 238 22.95 -3.68 -2.93
CA VAL A 238 22.24 -4.13 -1.72
C VAL A 238 23.16 -4.55 -0.59
N GLU A 239 24.23 -5.31 -0.90
CA GLU A 239 25.17 -5.77 0.13
C GLU A 239 26.02 -4.63 0.77
N GLU A 240 26.19 -3.51 0.05
CA GLU A 240 26.93 -2.33 0.59
C GLU A 240 26.06 -1.31 1.33
N LEU A 241 24.73 -1.54 1.36
CA LEU A 241 23.77 -0.63 2.03
C LEU A 241 23.85 -0.69 3.54
N PHE A 242 23.81 -1.91 4.08
CA PHE A 242 23.72 -2.09 5.53
C PHE A 242 24.84 -1.28 6.23
N SER A 243 26.02 -1.20 5.65
CA SER A 243 27.10 -0.38 6.24
C SER A 243 26.95 1.15 6.02
N LEU A 244 26.49 1.57 4.83
CA LEU A 244 26.19 3.01 4.64
C LEU A 244 25.22 3.53 5.74
N LEU A 245 24.20 2.72 6.10
CA LEU A 245 23.28 3.11 7.18
C LEU A 245 23.92 3.19 8.53
N ARG A 246 24.71 2.17 8.87
CA ARG A 246 25.47 2.14 10.13
C ARG A 246 26.37 3.32 10.37
N GLU A 247 26.94 3.88 9.28
CA GLU A 247 27.83 5.07 9.32
C GLU A 247 27.06 6.40 9.50
N GLY A 248 25.72 6.35 9.45
CA GLY A 248 24.89 7.53 9.62
C GLY A 248 24.50 8.18 8.32
N HIS A 249 24.73 7.51 7.18
CA HIS A 249 24.40 8.03 5.87
C HIS A 249 22.96 7.65 5.45
N ARG A 250 22.36 8.54 4.67
CA ARG A 250 20.97 8.42 4.17
C ARG A 250 20.94 8.97 2.75
N MET A 251 19.89 8.71 1.99
CA MET A 251 19.77 9.32 0.68
C MET A 251 19.76 10.85 0.79
N ASP A 252 20.21 11.45 -0.29
CA ASP A 252 20.31 12.88 -0.39
C ASP A 252 18.98 13.37 -0.78
N ARG A 253 18.74 14.64 -0.51
CA ARG A 253 17.56 15.34 -0.95
C ARG A 253 17.43 15.22 -2.47
N PRO A 254 16.30 14.70 -2.96
CA PRO A 254 16.18 14.61 -4.42
C PRO A 254 15.98 15.96 -5.07
N PRO A 255 16.20 16.02 -6.39
CA PRO A 255 16.17 17.31 -7.05
C PRO A 255 14.75 17.84 -7.05
N HIS A 256 14.63 19.13 -6.79
CA HIS A 256 13.36 19.85 -6.71
C HIS A 256 12.49 19.49 -5.50
N CYS A 257 12.94 18.59 -4.62
CA CYS A 257 12.21 18.30 -3.39
C CYS A 257 12.46 19.39 -2.35
N PRO A 258 11.39 20.05 -1.84
CA PRO A 258 11.65 21.07 -0.82
C PRO A 258 12.14 20.51 0.52
N PRO A 259 12.88 21.33 1.28
CA PRO A 259 13.50 20.79 2.47
C PRO A 259 12.56 20.39 3.61
N GLU A 260 11.37 20.98 3.72
CA GLU A 260 10.37 20.54 4.72
C GLU A 260 10.12 19.04 4.53
N LEU A 261 9.99 18.63 3.26
CA LEU A 261 9.67 17.26 2.92
C LEU A 261 10.87 16.38 3.14
N TYR A 262 12.02 16.84 2.63
CA TYR A 262 13.28 16.10 2.84
C TYR A 262 13.51 15.87 4.35
N GLY A 263 13.18 16.85 5.16
CA GLY A 263 13.37 16.74 6.59
C GLY A 263 12.56 15.64 7.22
N LEU A 264 11.30 15.48 6.77
CA LEU A 264 10.46 14.36 7.18
C LEU A 264 11.04 13.02 6.82
N MET A 265 11.55 12.89 5.58
CA MET A 265 12.23 11.66 5.15
C MET A 265 13.24 11.32 6.19
N ARG A 266 14.05 12.32 6.50
CA ARG A 266 15.16 12.14 7.39
C ARG A 266 14.75 11.83 8.80
N GLU A 267 13.67 12.46 9.28
CA GLU A 267 13.14 12.10 10.62
C GLU A 267 12.64 10.67 10.59
N CYS A 268 12.07 10.22 9.47
CA CYS A 268 11.67 8.81 9.35
C CYS A 268 12.85 7.84 9.40
N TRP A 269 14.01 8.33 8.94
CA TRP A 269 15.24 7.55 8.84
C TRP A 269 16.21 7.74 10.00
N HIS A 270 15.73 8.18 11.16
CA HIS A 270 16.50 8.13 12.38
C HIS A 270 16.70 6.67 12.73
N ALA A 271 17.84 6.32 13.33
CA ALA A 271 18.12 4.92 13.67
C ALA A 271 17.33 4.50 14.89
N ALA A 272 17.24 5.37 15.91
CA ALA A 272 16.39 5.07 17.06
C ALA A 272 14.90 5.15 16.62
N PRO A 273 14.15 4.02 16.71
CA PRO A 273 12.73 4.01 16.29
C PRO A 273 11.90 5.05 17.03
N SER A 274 12.16 5.22 18.32
CA SER A 274 11.43 6.21 19.11
C SER A 274 11.75 7.63 18.70
N GLN A 275 12.84 7.86 18.00
CA GLN A 275 13.17 9.21 17.51
C GLN A 275 12.50 9.51 16.20
N ARG A 276 11.91 8.51 15.57
CA ARG A 276 11.16 8.71 14.34
C ARG A 276 9.76 9.25 14.68
N PRO A 277 9.17 10.08 13.81
CA PRO A 277 7.82 10.55 14.06
C PRO A 277 6.81 9.41 13.96
N THR A 278 5.66 9.59 14.59
CA THR A 278 4.59 8.65 14.45
C THR A 278 3.79 8.97 13.16
N PHE A 279 2.99 8.01 12.74
CA PHE A 279 2.06 8.23 11.63
C PHE A 279 1.10 9.37 11.92
N LYS A 280 0.67 9.51 13.17
CA LYS A 280 -0.12 10.65 13.57
C LYS A 280 0.62 11.92 13.19
N GLN A 281 1.88 12.02 13.62
CA GLN A 281 2.70 13.22 13.36
C GLN A 281 3.00 13.40 11.88
N LEU A 282 3.16 12.30 11.18
CA LEU A 282 3.34 12.40 9.75
C LEU A 282 2.11 12.97 9.05
N VAL A 283 0.92 12.54 9.46
CA VAL A 283 -0.32 13.05 8.93
C VAL A 283 -0.42 14.56 9.21
N GLU A 284 -0.14 14.99 10.43
CA GLU A 284 -0.18 16.42 10.79
C GLU A 284 0.82 17.25 10.03
N ALA A 285 2.03 16.73 9.92
CA ALA A 285 3.07 17.47 9.21
C ALA A 285 2.68 17.68 7.75
N LEU A 286 2.20 16.63 7.11
CA LEU A 286 1.82 16.64 5.71
C LEU A 286 0.57 17.49 5.49
N ASP A 287 -0.36 17.40 6.44
CA ASP A 287 -1.52 18.26 6.49
C ASP A 287 -1.05 19.71 6.47
N LYS A 288 -0.10 20.12 7.32
CA LYS A 288 0.38 21.55 7.36
C LYS A 288 0.81 22.06 6.02
N VAL A 289 1.59 21.25 5.31
CA VAL A 289 2.07 21.57 3.97
C VAL A 289 0.92 21.75 2.99
N LEU A 290 -0.09 20.89 3.07
CA LEU A 290 -1.21 20.98 2.18
C LEU A 290 -2.09 22.18 2.53
N LEU A 291 -2.22 22.50 3.81
CA LEU A 291 -2.93 23.71 4.23
C LEU A 291 -2.12 24.90 3.77
N ALA A 292 -0.80 24.83 3.84
CA ALA A 292 0.05 25.94 3.44
C ALA A 292 0.15 26.20 1.93
N VAL A 293 -0.62 25.50 1.11
CA VAL A 293 -0.88 25.88 -0.30
C VAL A 293 -2.23 26.64 -0.34
N SER A 294 -2.16 27.96 -0.59
CA SER A 294 -3.34 28.89 -0.61
C SER A 294 -3.97 29.07 0.78
#